data_4G3A
#
_entry.id   4G3A
#
_cell.length_a   36.180
_cell.length_b   97.579
_cell.length_c   149.346
_cell.angle_alpha   90.00
_cell.angle_beta   90.00
_cell.angle_gamma   90.00
#
_symmetry.space_group_name_H-M   'P 21 21 21'
#
loop_
_entity.id
_entity.type
_entity.pdbx_description
1 polymer 'CLIP-associating protein'
2 non-polymer GLYCEROL
3 water water
#
_entity_poly.entity_id   1
_entity_poly.type   'polypeptide(L)'
_entity_poly.pdbx_seq_one_letter_code
;(MSE)AYRKPSDLDGFIQQ(MSE)PKAD(MSE)RVKVQLAEDLVTFLSDDTNSIVCTD(MSE)GFLIDGL(MSE)PWLTG
SHFKIAQKSLEAFSELIKRLGSDFNAYTATVLPHVIDRLGDSRDTVREKAQLLLRDL(MSE)EHRVLPPQALIDKLATSC
FKHKNAKVREEFLQTIVNALHEYGTQQLSVRVYIPPVCALLGDPTVNVREAAIQTLVEIYKHVGDRLRPDLRR(MSE)DD
VPASKLA(MSE)LEQKFDQVKLEHHHHHH
;
_entity_poly.pdbx_strand_id   A,B
#
loop_
_chem_comp.id
_chem_comp.type
_chem_comp.name
_chem_comp.formula
GOL non-polymer GLYCEROL 'C3 H8 O3'
#
# COMPACT_ATOMS: atom_id res chain seq x y z
N LYS A 5 23.27 22.79 -16.35
CA LYS A 5 23.81 24.02 -16.91
C LYS A 5 22.95 25.25 -16.61
N PRO A 6 21.71 25.26 -17.12
CA PRO A 6 20.87 26.48 -17.17
C PRO A 6 20.75 27.20 -15.82
N SER A 7 20.65 28.52 -15.85
CA SER A 7 20.63 29.32 -14.63
C SER A 7 19.26 29.92 -14.37
N ASP A 8 18.44 30.00 -15.41
CA ASP A 8 17.07 30.46 -15.24
C ASP A 8 16.11 29.79 -16.21
N LEU A 9 14.82 30.08 -16.07
CA LEU A 9 13.82 29.45 -16.91
C LEU A 9 14.07 29.64 -18.40
N ASP A 10 14.41 30.86 -18.81
CA ASP A 10 14.67 31.13 -20.22
C ASP A 10 15.77 30.24 -20.76
N GLY A 11 16.79 30.01 -19.94
CA GLY A 11 17.87 29.10 -20.29
C GLY A 11 17.39 27.68 -20.55
N PHE A 12 16.52 27.16 -19.69
CA PHE A 12 15.96 25.84 -19.91
C PHE A 12 15.15 25.81 -21.20
N ILE A 13 14.26 26.78 -21.36
CA ILE A 13 13.39 26.86 -22.51
C ILE A 13 14.18 26.83 -23.83
N GLN A 14 15.24 27.62 -23.90
CA GLN A 14 16.03 27.72 -25.12
C GLN A 14 16.70 26.40 -25.49
N GLN A 15 17.19 25.68 -24.49
CA GLN A 15 18.01 24.50 -24.73
C GLN A 15 17.19 23.23 -24.92
N MSE A 16 15.91 23.28 -24.58
CA MSE A 16 15.02 22.13 -24.68
C MSE A 16 14.79 21.62 -26.10
O MSE A 16 14.92 20.42 -26.36
CB MSE A 16 13.68 22.40 -23.99
CG MSE A 16 13.68 22.08 -22.50
SE MSE A 16 12.27 22.99 -21.50
CE MSE A 16 10.82 21.66 -21.60
N PRO A 17 14.44 22.52 -27.04
CA PRO A 17 14.13 22.06 -28.39
C PRO A 17 15.27 21.27 -29.01
N LYS A 18 16.45 21.89 -29.11
CA LYS A 18 17.59 21.27 -29.78
C LYS A 18 18.07 19.98 -29.12
N ALA A 19 18.17 20.00 -27.78
CA ALA A 19 18.80 18.92 -27.01
C ALA A 19 18.60 17.48 -27.46
N ASP A 20 19.72 16.78 -27.61
CA ASP A 20 19.72 15.35 -27.92
C ASP A 20 19.48 14.48 -26.70
N MSE A 21 19.07 13.23 -26.92
CA MSE A 21 18.74 12.31 -25.83
C MSE A 21 19.75 12.39 -24.69
O MSE A 21 19.38 12.38 -23.52
CB MSE A 21 18.63 10.87 -26.33
CG MSE A 21 17.41 10.63 -27.20
SE MSE A 21 15.84 11.54 -26.48
CE MSE A 21 15.54 12.80 -27.94
N ARG A 22 21.03 12.47 -25.05
CA ARG A 22 22.11 12.58 -24.07
C ARG A 22 21.79 13.56 -22.94
N VAL A 23 21.75 14.85 -23.26
CA VAL A 23 21.61 15.89 -22.25
C VAL A 23 20.14 16.13 -21.89
N LYS A 24 19.25 15.49 -22.62
CA LYS A 24 17.82 15.72 -22.44
C LYS A 24 17.36 15.30 -21.05
N VAL A 25 17.86 14.17 -20.57
CA VAL A 25 17.46 13.67 -19.27
C VAL A 25 18.06 14.50 -18.14
N GLN A 26 19.28 14.97 -18.35
CA GLN A 26 19.93 15.81 -17.36
C GLN A 26 19.18 17.13 -17.23
N LEU A 27 18.81 17.68 -18.38
CA LEU A 27 18.01 18.89 -18.45
C LEU A 27 16.69 18.69 -17.67
N ALA A 28 16.03 17.56 -17.92
CA ALA A 28 14.77 17.26 -17.23
C ALA A 28 14.97 17.22 -15.72
N GLU A 29 16.00 16.50 -15.27
CA GLU A 29 16.26 16.38 -13.84
C GLU A 29 16.55 17.74 -13.23
N ASP A 30 17.34 18.55 -13.93
CA ASP A 30 17.72 19.85 -13.41
C ASP A 30 16.56 20.84 -13.39
N LEU A 31 15.73 20.79 -14.43
CA LEU A 31 14.53 21.60 -14.48
C LEU A 31 13.69 21.36 -13.22
N VAL A 32 13.40 20.10 -12.94
CA VAL A 32 12.62 19.77 -11.74
C VAL A 32 13.32 20.29 -10.46
N THR A 33 14.62 20.03 -10.34
CA THR A 33 15.37 20.54 -9.21
C THR A 33 15.22 22.05 -9.08
N PHE A 34 15.36 22.75 -10.20
CA PHE A 34 15.26 24.20 -10.23
C PHE A 34 13.92 24.68 -9.72
N LEU A 35 12.84 24.14 -10.29
CA LEU A 35 11.49 24.54 -9.93
C LEU A 35 11.12 24.15 -8.50
N SER A 36 11.78 23.11 -7.97
CA SER A 36 11.47 22.62 -6.63
C SER A 36 11.96 23.57 -5.54
N ASP A 37 13.04 24.29 -5.83
CA ASP A 37 13.64 25.19 -4.86
C ASP A 37 12.94 26.55 -4.88
N ASP A 38 12.22 26.88 -3.81
CA ASP A 38 11.48 28.15 -3.80
C ASP A 38 12.38 29.38 -3.68
N THR A 39 13.70 29.18 -3.66
CA THR A 39 14.61 30.32 -3.73
C THR A 39 14.96 30.63 -5.19
N ASN A 40 14.61 29.71 -6.08
CA ASN A 40 14.73 29.95 -7.51
C ASN A 40 13.53 30.71 -8.03
N SER A 41 13.75 31.57 -9.02
CA SER A 41 12.67 32.37 -9.60
C SER A 41 12.14 31.76 -10.89
N ILE A 42 10.84 31.89 -11.14
CA ILE A 42 10.26 31.41 -12.40
C ILE A 42 10.00 32.55 -13.37
N VAL A 43 10.70 33.67 -13.18
CA VAL A 43 10.66 34.71 -14.18
C VAL A 43 11.13 34.11 -15.49
N CYS A 44 10.45 34.44 -16.58
CA CYS A 44 10.89 34.05 -17.91
C CYS A 44 10.20 34.95 -18.94
N THR A 45 10.49 34.73 -20.21
CA THR A 45 9.91 35.53 -21.27
C THR A 45 8.42 35.27 -21.40
N ASP A 46 8.06 34.00 -21.53
CA ASP A 46 6.67 33.59 -21.68
C ASP A 46 6.52 32.18 -21.14
N MSE A 47 5.69 32.04 -20.10
CA MSE A 47 5.49 30.75 -19.44
C MSE A 47 4.98 29.70 -20.41
O MSE A 47 5.33 28.52 -20.31
CB MSE A 47 4.54 30.91 -18.25
CG MSE A 47 4.21 29.61 -17.53
SE MSE A 47 5.78 28.66 -16.86
CE MSE A 47 6.30 29.89 -15.45
N GLY A 48 4.14 30.12 -21.35
CA GLY A 48 3.61 29.23 -22.37
C GLY A 48 4.70 28.50 -23.12
N PHE A 49 5.84 29.16 -23.30
CA PHE A 49 6.98 28.53 -23.98
C PHE A 49 7.49 27.32 -23.22
N LEU A 50 7.47 27.40 -21.89
CA LEU A 50 7.92 26.27 -21.09
C LEU A 50 6.90 25.15 -21.18
N ILE A 51 5.62 25.53 -21.11
CA ILE A 51 4.53 24.57 -21.25
C ILE A 51 4.61 23.82 -22.57
N ASP A 52 4.79 24.56 -23.65
CA ASP A 52 4.91 23.97 -24.98
C ASP A 52 6.11 23.02 -25.02
N GLY A 53 7.19 23.43 -24.37
CA GLY A 53 8.41 22.64 -24.35
C GLY A 53 8.26 21.32 -23.62
N LEU A 54 7.47 21.32 -22.54
CA LEU A 54 7.29 20.12 -21.74
C LEU A 54 6.45 19.08 -22.48
N MSE A 55 5.63 19.54 -23.42
CA MSE A 55 4.63 18.70 -24.07
C MSE A 55 5.20 17.49 -24.82
O MSE A 55 4.72 16.38 -24.66
CB MSE A 55 3.70 19.53 -24.95
CG MSE A 55 2.78 20.44 -24.15
SE MSE A 55 1.68 19.45 -22.86
CE MSE A 55 0.95 18.14 -24.11
N PRO A 56 6.25 17.70 -25.64
CA PRO A 56 6.89 16.55 -26.29
C PRO A 56 7.50 15.57 -25.29
N TRP A 57 7.94 16.05 -24.14
CA TRP A 57 8.47 15.17 -23.10
C TRP A 57 7.32 14.33 -22.54
N LEU A 58 6.24 15.00 -22.19
CA LEU A 58 5.09 14.33 -21.58
C LEU A 58 4.48 13.33 -22.55
N THR A 59 4.27 13.76 -23.80
CA THR A 59 3.66 12.92 -24.82
C THR A 59 4.69 12.01 -25.51
N GLY A 60 5.89 11.93 -24.94
CA GLY A 60 7.01 11.26 -25.59
C GLY A 60 7.14 9.77 -25.32
N SER A 61 8.15 9.17 -25.92
CA SER A 61 8.38 7.73 -25.84
C SER A 61 9.39 7.35 -24.76
N HIS A 62 10.12 8.34 -24.26
CA HIS A 62 11.05 8.14 -23.15
C HIS A 62 10.28 8.43 -21.87
N PHE A 63 10.09 7.41 -21.04
CA PHE A 63 9.21 7.54 -19.88
C PHE A 63 9.88 8.25 -18.70
N LYS A 64 11.21 8.20 -18.65
CA LYS A 64 11.94 8.92 -17.62
C LYS A 64 11.73 10.42 -17.81
N ILE A 65 11.83 10.87 -19.05
CA ILE A 65 11.61 12.26 -19.40
C ILE A 65 10.13 12.65 -19.27
N ALA A 66 9.25 11.72 -19.62
CA ALA A 66 7.82 11.93 -19.42
C ALA A 66 7.53 12.14 -17.93
N GLN A 67 8.12 11.28 -17.11
CA GLN A 67 7.89 11.35 -15.68
C GLN A 67 8.37 12.69 -15.12
N LYS A 68 9.52 13.15 -15.60
CA LYS A 68 10.09 14.41 -15.13
C LYS A 68 9.24 15.58 -15.57
N SER A 69 8.68 15.52 -16.77
CA SER A 69 7.75 16.54 -17.21
C SER A 69 6.52 16.62 -16.30
N LEU A 70 6.01 15.47 -15.86
CA LEU A 70 4.90 15.42 -14.89
C LEU A 70 5.32 16.08 -13.58
N GLU A 71 6.49 15.71 -13.08
CA GLU A 71 7.06 16.37 -11.91
C GLU A 71 7.26 17.87 -12.14
N ALA A 72 7.65 18.23 -13.36
CA ALA A 72 7.85 19.64 -13.68
C ALA A 72 6.53 20.36 -13.64
N PHE A 73 5.49 19.73 -14.20
CA PHE A 73 4.17 20.32 -14.18
C PHE A 73 3.71 20.45 -12.73
N SER A 74 3.95 19.42 -11.91
CA SER A 74 3.57 19.52 -10.50
C SER A 74 4.20 20.76 -9.85
N GLU A 75 5.48 21.02 -10.15
CA GLU A 75 6.16 22.17 -9.57
C GLU A 75 5.59 23.51 -10.05
N LEU A 76 5.26 23.59 -11.35
CA LEU A 76 4.58 24.77 -11.89
C LEU A 76 3.21 24.98 -11.24
N ILE A 77 2.47 23.87 -11.06
CA ILE A 77 1.17 23.95 -10.41
C ILE A 77 1.35 24.53 -9.00
N LYS A 78 2.32 24.02 -8.27
CA LYS A 78 2.57 24.50 -6.91
C LYS A 78 2.91 25.99 -6.89
N ARG A 79 3.72 26.44 -7.85
CA ARG A 79 4.11 27.85 -7.92
C ARG A 79 3.01 28.73 -8.49
N LEU A 80 2.27 28.20 -9.46
CA LEU A 80 1.31 29.01 -10.22
C LEU A 80 -0.09 29.01 -9.62
N GLY A 81 -0.45 27.95 -8.91
CA GLY A 81 -1.78 27.85 -8.35
C GLY A 81 -2.81 28.03 -9.43
N SER A 82 -3.82 28.85 -9.18
CA SER A 82 -4.93 29.00 -10.11
C SER A 82 -4.47 29.49 -11.48
N ASP A 83 -3.32 30.16 -11.52
CA ASP A 83 -2.82 30.66 -12.79
C ASP A 83 -2.51 29.52 -13.77
N PHE A 84 -2.17 28.35 -13.23
CA PHE A 84 -1.89 27.18 -14.06
C PHE A 84 -3.10 26.76 -14.91
N ASN A 85 -4.29 27.17 -14.49
CA ASN A 85 -5.50 26.62 -15.11
C ASN A 85 -5.61 26.99 -16.58
N ALA A 86 -4.75 27.89 -17.04
CA ALA A 86 -4.68 28.24 -18.44
C ALA A 86 -4.17 27.08 -19.27
N TYR A 87 -3.49 26.14 -18.61
CA TYR A 87 -2.83 25.05 -19.33
C TYR A 87 -3.49 23.69 -19.11
N THR A 88 -4.42 23.64 -18.16
CA THR A 88 -5.11 22.38 -17.82
C THR A 88 -5.64 21.61 -19.04
N ALA A 89 -6.38 22.29 -19.92
CA ALA A 89 -6.97 21.64 -21.09
C ALA A 89 -5.93 21.04 -22.04
N THR A 90 -4.73 21.62 -22.06
CA THR A 90 -3.66 21.17 -22.93
C THR A 90 -2.97 19.95 -22.34
N VAL A 91 -2.74 20.01 -21.03
CA VAL A 91 -1.97 18.99 -20.34
C VAL A 91 -2.80 17.76 -19.95
N LEU A 92 -3.99 18.00 -19.39
CA LEU A 92 -4.80 16.94 -18.79
C LEU A 92 -4.96 15.67 -19.64
N PRO A 93 -5.28 15.82 -20.94
CA PRO A 93 -5.52 14.59 -21.71
C PRO A 93 -4.32 13.64 -21.71
N HIS A 94 -3.10 14.16 -21.66
CA HIS A 94 -1.93 13.29 -21.70
C HIS A 94 -1.52 12.74 -20.33
N VAL A 95 -1.85 13.50 -19.29
CA VAL A 95 -1.68 13.02 -17.92
C VAL A 95 -2.59 11.82 -17.70
N ILE A 96 -3.82 11.93 -18.19
CA ILE A 96 -4.77 10.82 -18.14
C ILE A 96 -4.18 9.57 -18.77
N ASP A 97 -3.66 9.69 -19.99
CA ASP A 97 -3.02 8.57 -20.67
C ASP A 97 -1.91 7.95 -19.82
N ARG A 98 -1.17 8.78 -19.08
CA ARG A 98 -0.08 8.26 -18.25
C ARG A 98 -0.58 7.50 -17.02
N LEU A 99 -1.87 7.64 -16.70
CA LEU A 99 -2.42 6.83 -15.62
C LEU A 99 -2.31 5.37 -16.04
N GLY A 100 -2.27 5.12 -17.35
CA GLY A 100 -2.21 3.77 -17.87
C GLY A 100 -0.80 3.30 -18.19
N ASP A 101 0.20 4.09 -17.81
CA ASP A 101 1.58 3.74 -18.13
C ASP A 101 1.97 2.42 -17.47
N SER A 102 2.80 1.64 -18.15
CA SER A 102 3.21 0.36 -17.60
C SER A 102 4.16 0.48 -16.40
N ARG A 103 4.86 1.62 -16.34
CA ARG A 103 5.83 1.89 -15.27
C ARG A 103 5.13 2.48 -14.03
N ASP A 104 5.27 1.80 -12.90
CA ASP A 104 4.56 2.24 -11.69
C ASP A 104 4.88 3.68 -11.26
N THR A 105 6.13 4.12 -11.42
CA THR A 105 6.51 5.46 -10.96
C THR A 105 5.89 6.54 -11.85
N VAL A 106 5.67 6.23 -13.11
CA VAL A 106 5.02 7.18 -14.01
C VAL A 106 3.56 7.40 -13.59
N ARG A 107 2.86 6.32 -13.30
CA ARG A 107 1.47 6.44 -12.84
C ARG A 107 1.42 7.27 -11.55
N GLU A 108 2.39 7.03 -10.68
CA GLU A 108 2.46 7.74 -9.40
C GLU A 108 2.54 9.23 -9.60
N LYS A 109 3.51 9.65 -10.41
CA LYS A 109 3.73 11.08 -10.64
C LYS A 109 2.53 11.69 -11.35
N ALA A 110 1.87 10.91 -12.20
CA ALA A 110 0.64 11.37 -12.84
C ALA A 110 -0.47 11.57 -11.80
N GLN A 111 -0.64 10.59 -10.92
CA GLN A 111 -1.67 10.72 -9.88
C GLN A 111 -1.33 11.92 -9.00
N LEU A 112 -0.04 12.09 -8.73
CA LEU A 112 0.39 13.20 -7.88
C LEU A 112 0.13 14.55 -8.55
N LEU A 113 0.37 14.66 -9.84
CA LEU A 113 0.02 15.86 -10.59
C LEU A 113 -1.47 16.19 -10.44
N LEU A 114 -2.32 15.16 -10.52
CA LEU A 114 -3.75 15.35 -10.35
C LEU A 114 -4.08 15.86 -8.94
N ARG A 115 -3.47 15.26 -7.92
CA ARG A 115 -3.72 15.73 -6.56
C ARG A 115 -3.22 17.18 -6.37
N ASP A 116 -2.09 17.50 -7.01
CA ASP A 116 -1.54 18.85 -6.93
C ASP A 116 -2.48 19.90 -7.53
N LEU A 117 -3.11 19.56 -8.65
CA LEU A 117 -4.11 20.45 -9.26
C LEU A 117 -5.18 20.86 -8.25
N MSE A 118 -5.61 19.90 -7.43
CA MSE A 118 -6.67 20.15 -6.48
C MSE A 118 -6.12 20.81 -5.21
O MSE A 118 -6.68 21.78 -4.73
CB MSE A 118 -7.38 18.83 -6.13
CG MSE A 118 -8.12 18.24 -7.32
SE MSE A 118 -9.13 16.62 -6.81
CE MSE A 118 -7.62 15.39 -6.73
N GLU A 119 -5.02 20.29 -4.69
CA GLU A 119 -4.48 20.84 -3.45
C GLU A 119 -4.11 22.32 -3.64
N HIS A 120 -3.54 22.66 -4.79
CA HIS A 120 -3.12 24.03 -5.02
C HIS A 120 -4.16 24.87 -5.76
N ARG A 121 -5.40 24.35 -5.76
CA ARG A 121 -6.55 25.13 -6.20
C ARG A 121 -6.47 25.62 -7.65
N VAL A 122 -5.92 24.80 -8.52
CA VAL A 122 -6.00 25.08 -9.95
C VAL A 122 -7.47 25.08 -10.35
N LEU A 123 -8.20 24.07 -9.88
CA LEU A 123 -9.64 23.99 -10.02
C LEU A 123 -10.21 23.18 -8.85
N PRO A 124 -11.51 23.35 -8.57
CA PRO A 124 -12.15 22.64 -7.46
C PRO A 124 -12.11 21.13 -7.67
N PRO A 125 -12.08 20.36 -6.56
CA PRO A 125 -12.06 18.90 -6.69
C PRO A 125 -13.20 18.36 -7.54
N GLN A 126 -14.41 18.89 -7.38
CA GLN A 126 -15.52 18.36 -8.16
C GLN A 126 -15.28 18.58 -9.65
N ALA A 127 -14.76 19.75 -10.00
CA ALA A 127 -14.46 20.08 -11.40
C ALA A 127 -13.48 19.09 -12.03
N LEU A 128 -12.37 18.82 -11.33
CA LEU A 128 -11.38 17.89 -11.85
C LEU A 128 -11.89 16.45 -11.95
N ILE A 129 -12.54 15.97 -10.91
CA ILE A 129 -12.99 14.58 -10.96
C ILE A 129 -14.02 14.40 -12.09
N ASP A 130 -14.97 15.33 -12.21
CA ASP A 130 -15.96 15.29 -13.29
C ASP A 130 -15.27 15.28 -14.65
N LYS A 131 -14.27 16.14 -14.82
CA LYS A 131 -13.57 16.23 -16.08
C LYS A 131 -12.85 14.92 -16.39
N LEU A 132 -12.20 14.34 -15.37
CA LEU A 132 -11.53 13.07 -15.55
C LEU A 132 -12.54 11.98 -15.94
N ALA A 133 -13.70 12.03 -15.29
CA ALA A 133 -14.72 10.99 -15.47
C ALA A 133 -15.08 10.85 -16.94
N THR A 134 -15.19 12.00 -17.61
CA THR A 134 -15.52 12.02 -19.02
C THR A 134 -14.59 11.14 -19.85
N SER A 135 -13.30 11.15 -19.53
CA SER A 135 -12.32 10.42 -20.32
C SER A 135 -11.96 9.06 -19.73
N CYS A 136 -12.21 8.88 -18.44
CA CYS A 136 -11.62 7.75 -17.73
C CYS A 136 -12.53 6.54 -17.57
N PHE A 137 -13.83 6.76 -17.38
CA PHE A 137 -14.70 5.65 -17.06
C PHE A 137 -14.70 4.64 -18.22
N LYS A 138 -14.62 5.13 -19.45
CA LYS A 138 -14.65 4.26 -20.61
C LYS A 138 -13.33 4.25 -21.39
N HIS A 139 -12.24 4.62 -20.74
CA HIS A 139 -10.92 4.55 -21.40
C HIS A 139 -10.62 3.11 -21.87
N LYS A 140 -9.93 3.00 -23.00
CA LYS A 140 -9.63 1.70 -23.59
C LYS A 140 -8.65 0.88 -22.74
N ASN A 141 -7.86 1.57 -21.95
CA ASN A 141 -6.86 0.92 -21.12
C ASN A 141 -7.40 0.66 -19.70
N ALA A 142 -7.43 -0.61 -19.30
CA ALA A 142 -7.97 -1.00 -17.99
C ALA A 142 -7.22 -0.33 -16.84
N LYS A 143 -5.94 -0.04 -17.04
CA LYS A 143 -5.15 0.56 -15.97
C LYS A 143 -5.57 2.02 -15.74
N VAL A 144 -5.96 2.72 -16.81
CA VAL A 144 -6.56 4.02 -16.62
C VAL A 144 -7.87 3.93 -15.84
N ARG A 145 -8.74 2.99 -16.23
CA ARG A 145 -10.02 2.86 -15.56
C ARG A 145 -9.81 2.58 -14.07
N GLU A 146 -8.88 1.67 -13.77
CA GLU A 146 -8.59 1.35 -12.38
C GLU A 146 -7.95 2.51 -11.61
N GLU A 147 -7.00 3.18 -12.24
CA GLU A 147 -6.32 4.31 -11.59
C GLU A 147 -7.32 5.43 -11.29
N PHE A 148 -8.21 5.69 -12.23
CA PHE A 148 -9.19 6.75 -12.03
C PHE A 148 -10.09 6.48 -10.83
N LEU A 149 -10.52 5.23 -10.64
CA LEU A 149 -11.29 4.88 -9.45
C LEU A 149 -10.49 5.25 -8.20
N GLN A 150 -9.17 5.00 -8.25
CA GLN A 150 -8.33 5.33 -7.11
C GLN A 150 -8.21 6.84 -6.92
N THR A 151 -8.22 7.59 -8.02
CA THR A 151 -8.20 9.04 -7.92
C THR A 151 -9.44 9.52 -7.18
N ILE A 152 -10.59 8.93 -7.49
CA ILE A 152 -11.82 9.26 -6.78
C ILE A 152 -11.68 8.97 -5.29
N VAL A 153 -11.17 7.79 -4.98
CA VAL A 153 -11.00 7.38 -3.58
C VAL A 153 -10.10 8.37 -2.84
N ASN A 154 -8.98 8.73 -3.45
CA ASN A 154 -8.02 9.64 -2.81
C ASN A 154 -8.63 11.03 -2.61
N ALA A 155 -9.34 11.53 -3.62
CA ALA A 155 -9.99 12.84 -3.53
C ALA A 155 -11.06 12.89 -2.42
N LEU A 156 -11.83 11.82 -2.30
CA LEU A 156 -12.82 11.72 -1.24
C LEU A 156 -12.14 11.67 0.11
N HIS A 157 -11.13 10.83 0.24
CA HIS A 157 -10.42 10.72 1.51
C HIS A 157 -9.79 12.07 1.89
N GLU A 158 -9.31 12.82 0.91
CA GLU A 158 -8.59 14.07 1.20
C GLU A 158 -9.54 15.24 1.43
N TYR A 159 -10.65 15.27 0.71
CA TYR A 159 -11.55 16.42 0.77
C TYR A 159 -12.92 16.19 1.43
N GLY A 160 -13.36 14.93 1.47
CA GLY A 160 -14.64 14.62 2.09
C GLY A 160 -15.83 15.12 1.30
N THR A 161 -17.04 14.85 1.82
CA THR A 161 -18.28 15.15 1.09
C THR A 161 -18.62 16.64 1.00
N GLN A 162 -17.85 17.46 1.71
CA GLN A 162 -17.98 18.92 1.67
C GLN A 162 -17.63 19.48 0.29
N GLN A 163 -16.68 18.85 -0.38
CA GLN A 163 -16.24 19.34 -1.69
C GLN A 163 -16.46 18.33 -2.80
N LEU A 164 -16.77 17.10 -2.44
CA LEU A 164 -16.96 16.08 -3.45
C LEU A 164 -18.26 15.32 -3.20
N SER A 165 -19.20 15.48 -4.13
CA SER A 165 -20.45 14.75 -4.09
C SER A 165 -20.36 13.59 -5.06
N VAL A 166 -20.43 12.36 -4.53
CA VAL A 166 -20.23 11.18 -5.36
C VAL A 166 -21.54 10.49 -5.74
N ARG A 167 -22.67 11.07 -5.35
CA ARG A 167 -23.95 10.45 -5.66
C ARG A 167 -24.09 10.12 -7.15
N VAL A 168 -23.75 11.09 -8.00
CA VAL A 168 -23.87 10.93 -9.45
C VAL A 168 -22.82 9.95 -9.99
N TYR A 169 -21.80 9.65 -9.18
CA TYR A 169 -20.80 8.64 -9.55
C TYR A 169 -21.18 7.18 -9.31
N ILE A 170 -22.21 6.95 -8.50
CA ILE A 170 -22.56 5.57 -8.19
C ILE A 170 -22.89 4.73 -9.44
N PRO A 171 -23.71 5.28 -10.37
CA PRO A 171 -24.02 4.41 -11.50
C PRO A 171 -22.81 4.10 -12.40
N PRO A 172 -21.99 5.10 -12.77
CA PRO A 172 -20.81 4.68 -13.54
C PRO A 172 -19.85 3.76 -12.78
N VAL A 173 -19.64 3.96 -11.48
CA VAL A 173 -18.80 3.03 -10.74
C VAL A 173 -19.44 1.63 -10.74
N CYS A 174 -20.75 1.57 -10.57
CA CYS A 174 -21.44 0.28 -10.61
C CYS A 174 -21.28 -0.40 -11.97
N ALA A 175 -21.31 0.38 -13.05
CA ALA A 175 -21.07 -0.16 -14.38
C ALA A 175 -19.73 -0.89 -14.46
N LEU A 176 -18.73 -0.36 -13.75
CA LEU A 176 -17.41 -0.99 -13.75
C LEU A 176 -17.32 -2.31 -12.97
N LEU A 177 -18.36 -2.62 -12.18
CA LEU A 177 -18.46 -3.96 -11.57
C LEU A 177 -18.49 -5.05 -12.63
N GLY A 178 -19.05 -4.74 -13.80
CA GLY A 178 -19.06 -5.68 -14.90
C GLY A 178 -17.99 -5.43 -15.96
N ASP A 179 -16.91 -4.77 -15.55
CA ASP A 179 -15.79 -4.52 -16.46
C ASP A 179 -15.23 -5.85 -16.99
N PRO A 180 -14.75 -5.88 -18.23
CA PRO A 180 -14.22 -7.17 -18.71
C PRO A 180 -12.92 -7.57 -18.01
N THR A 181 -12.34 -6.66 -17.25
CA THR A 181 -11.05 -6.89 -16.61
C THR A 181 -11.24 -7.09 -15.11
N VAL A 182 -10.62 -8.13 -14.56
CA VAL A 182 -10.84 -8.44 -13.14
C VAL A 182 -10.28 -7.34 -12.23
N ASN A 183 -9.15 -6.75 -12.60
CA ASN A 183 -8.54 -5.69 -11.78
C ASN A 183 -9.47 -4.50 -11.58
N VAL A 184 -10.22 -4.18 -12.63
CA VAL A 184 -11.18 -3.09 -12.56
C VAL A 184 -12.43 -3.48 -11.76
N ARG A 185 -12.97 -4.67 -12.03
CA ARG A 185 -14.13 -5.14 -11.25
C ARG A 185 -13.83 -5.06 -9.77
N GLU A 186 -12.65 -5.55 -9.37
CA GLU A 186 -12.25 -5.52 -7.96
C GLU A 186 -12.01 -4.11 -7.41
N ALA A 187 -11.46 -3.23 -8.25
CA ALA A 187 -11.27 -1.82 -7.87
C ALA A 187 -12.61 -1.12 -7.66
N ALA A 188 -13.58 -1.45 -8.51
CA ALA A 188 -14.90 -0.84 -8.45
C ALA A 188 -15.56 -1.20 -7.10
N ILE A 189 -15.39 -2.46 -6.71
CA ILE A 189 -15.90 -2.94 -5.42
C ILE A 189 -15.30 -2.12 -4.29
N GLN A 190 -13.97 -2.08 -4.24
CA GLN A 190 -13.22 -1.33 -3.23
CA GLN A 190 -13.31 -1.34 -3.17
C GLN A 190 -13.66 0.14 -3.18
N THR A 191 -13.93 0.71 -4.35
CA THR A 191 -14.31 2.13 -4.45
C THR A 191 -15.65 2.40 -3.77
N LEU A 192 -16.62 1.52 -4.00
CA LEU A 192 -17.92 1.63 -3.33
C LEU A 192 -17.78 1.47 -1.82
N VAL A 193 -16.87 0.59 -1.41
CA VAL A 193 -16.60 0.40 0.00
C VAL A 193 -16.00 1.68 0.60
N GLU A 194 -15.04 2.29 -0.10
CA GLU A 194 -14.47 3.56 0.34
C GLU A 194 -15.51 4.67 0.39
N ILE A 195 -16.42 4.69 -0.60
CA ILE A 195 -17.50 5.68 -0.61
C ILE A 195 -18.46 5.42 0.57
N TYR A 196 -18.69 4.16 0.89
CA TYR A 196 -19.51 3.86 2.06
C TYR A 196 -18.96 4.54 3.33
N LYS A 197 -17.63 4.59 3.46
CA LYS A 197 -17.04 5.20 4.64
C LYS A 197 -17.45 6.65 4.82
N HIS A 198 -17.71 7.34 3.71
CA HIS A 198 -18.06 8.77 3.76
C HIS A 198 -19.56 8.98 3.78
N VAL A 199 -20.28 8.10 3.10
CA VAL A 199 -21.68 8.31 2.80
C VAL A 199 -22.61 7.56 3.77
N GLY A 200 -22.17 6.42 4.27
CA GLY A 200 -22.95 5.70 5.26
C GLY A 200 -24.05 4.83 4.65
N ASP A 201 -24.98 4.41 5.51
CA ASP A 201 -25.92 3.36 5.15
C ASP A 201 -26.93 3.72 4.06
N ARG A 202 -27.07 5.01 3.77
CA ARG A 202 -27.97 5.45 2.71
C ARG A 202 -27.52 4.92 1.35
N LEU A 203 -26.28 4.43 1.30
CA LEU A 203 -25.73 3.88 0.06
C LEU A 203 -26.41 2.56 -0.29
N ARG A 204 -26.87 1.84 0.74
CA ARG A 204 -27.43 0.50 0.56
C ARG A 204 -28.68 0.47 -0.31
N PRO A 205 -29.70 1.29 0.01
CA PRO A 205 -30.89 1.34 -0.85
C PRO A 205 -30.61 2.03 -2.19
N ASP A 206 -29.61 2.89 -2.23
CA ASP A 206 -29.17 3.48 -3.49
C ASP A 206 -28.72 2.40 -4.45
N LEU A 207 -27.93 1.46 -3.94
CA LEU A 207 -27.44 0.37 -4.77
C LEU A 207 -28.57 -0.60 -5.06
N ARG A 208 -29.52 -0.71 -4.14
CA ARG A 208 -30.58 -1.68 -4.35
C ARG A 208 -31.47 -1.30 -5.53
N ARG A 209 -31.56 0.00 -5.82
CA ARG A 209 -32.30 0.50 -6.98
C ARG A 209 -31.49 0.36 -8.27
N MSE A 210 -30.20 0.10 -8.12
CA MSE A 210 -29.31 -0.04 -9.27
C MSE A 210 -29.57 -1.40 -9.91
O MSE A 210 -28.92 -2.39 -9.58
CB MSE A 210 -27.85 0.02 -8.80
CG MSE A 210 -26.93 0.85 -9.65
SE MSE A 210 -27.31 2.74 -9.55
CE MSE A 210 -26.93 3.06 -7.70
N ASP A 211 -30.54 -1.45 -10.83
CA ASP A 211 -30.88 -2.72 -11.49
C ASP A 211 -29.69 -3.27 -12.27
N ASP A 212 -28.70 -2.42 -12.49
CA ASP A 212 -27.39 -2.85 -12.95
C ASP A 212 -26.81 -3.94 -12.04
N VAL A 213 -26.54 -3.56 -10.78
CA VAL A 213 -25.89 -4.42 -9.78
C VAL A 213 -26.63 -5.73 -9.50
N PRO A 214 -26.02 -6.86 -9.88
CA PRO A 214 -26.63 -8.17 -9.62
C PRO A 214 -26.85 -8.36 -8.12
N ALA A 215 -27.90 -9.08 -7.73
CA ALA A 215 -28.21 -9.30 -6.32
C ALA A 215 -27.00 -9.86 -5.61
N SER A 216 -26.27 -10.74 -6.28
CA SER A 216 -25.11 -11.38 -5.67
C SER A 216 -24.03 -10.36 -5.27
N LYS A 217 -23.89 -9.30 -6.06
CA LYS A 217 -22.91 -8.27 -5.72
C LYS A 217 -23.44 -7.29 -4.70
N LEU A 218 -24.74 -7.04 -4.75
CA LEU A 218 -25.40 -6.24 -3.73
C LEU A 218 -25.15 -6.88 -2.37
N ALA A 219 -25.28 -8.21 -2.34
CA ALA A 219 -25.12 -8.95 -1.09
C ALA A 219 -23.67 -8.87 -0.62
N MSE A 220 -22.76 -9.00 -1.57
CA MSE A 220 -21.34 -8.99 -1.29
C MSE A 220 -20.91 -7.60 -0.81
O MSE A 220 -20.10 -7.47 0.11
CB MSE A 220 -20.58 -9.38 -2.56
CG MSE A 220 -19.13 -9.72 -2.36
SE MSE A 220 -18.03 -8.67 -3.58
CE MSE A 220 -18.55 -6.95 -2.94
N LEU A 221 -21.46 -6.58 -1.44
CA LEU A 221 -21.17 -5.20 -1.06
C LEU A 221 -21.70 -4.95 0.35
N GLU A 222 -22.91 -5.44 0.62
CA GLU A 222 -23.47 -5.23 1.96
C GLU A 222 -22.66 -5.94 3.05
N GLN A 223 -22.09 -7.10 2.73
CA GLN A 223 -21.20 -7.75 3.70
C GLN A 223 -20.00 -6.86 3.97
N LYS A 224 -19.42 -6.29 2.92
CA LYS A 224 -18.26 -5.43 3.08
C LYS A 224 -18.58 -4.15 3.88
N PHE A 225 -19.75 -3.58 3.68
CA PHE A 225 -20.16 -2.42 4.46
C PHE A 225 -20.32 -2.79 5.94
N ASP A 226 -20.95 -3.93 6.20
CA ASP A 226 -21.13 -4.38 7.58
C ASP A 226 -19.78 -4.47 8.23
N GLN A 227 -18.82 -5.06 7.50
CA GLN A 227 -17.47 -5.21 8.00
C GLN A 227 -16.82 -3.87 8.35
N VAL A 228 -17.04 -2.86 7.51
CA VAL A 228 -16.54 -1.52 7.82
C VAL A 228 -17.17 -0.99 9.10
N LYS A 229 -18.48 -1.18 9.23
CA LYS A 229 -19.23 -0.72 10.41
C LYS A 229 -18.56 -1.16 11.72
N LEU A 230 -17.95 -2.35 11.72
CA LEU A 230 -17.09 -2.73 12.82
C LEU A 230 -15.77 -1.95 12.67
N GLU A 231 -15.84 -0.65 12.95
CA GLU A 231 -14.80 0.31 12.58
C GLU A 231 -13.38 -0.17 12.89
N ALA B 2 30.16 4.48 -11.12
CA ALA B 2 31.00 4.27 -9.94
C ALA B 2 30.15 4.20 -8.67
N TYR B 3 29.78 2.98 -8.28
CA TYR B 3 29.10 2.82 -6.99
C TYR B 3 30.11 3.05 -5.89
N ARG B 4 29.77 3.95 -4.98
CA ARG B 4 30.58 4.16 -3.78
C ARG B 4 29.74 3.81 -2.57
N LYS B 5 30.21 2.83 -1.81
CA LYS B 5 29.47 2.38 -0.64
C LYS B 5 29.46 3.44 0.45
N PRO B 6 28.27 3.77 0.96
CA PRO B 6 28.09 4.74 2.06
C PRO B 6 28.78 4.25 3.32
N SER B 7 29.17 5.18 4.19
CA SER B 7 29.90 4.86 5.41
C SER B 7 29.06 5.09 6.66
N ASP B 8 27.86 5.64 6.48
CA ASP B 8 26.94 5.87 7.60
C ASP B 8 25.52 6.01 7.07
N LEU B 9 24.56 5.97 7.99
CA LEU B 9 23.16 5.99 7.62
C LEU B 9 22.80 7.20 6.79
N ASP B 10 23.41 8.35 7.09
CA ASP B 10 23.12 9.53 6.29
C ASP B 10 23.54 9.30 4.83
N GLY B 11 24.64 8.57 4.64
CA GLY B 11 25.14 8.26 3.32
C GLY B 11 24.19 7.32 2.59
N PHE B 12 23.63 6.34 3.29
CA PHE B 12 22.65 5.46 2.68
C PHE B 12 21.38 6.23 2.29
N ILE B 13 20.96 7.12 3.17
CA ILE B 13 19.76 7.92 2.93
C ILE B 13 19.95 8.80 1.70
N GLN B 14 21.11 9.42 1.61
CA GLN B 14 21.41 10.29 0.47
C GLN B 14 21.32 9.51 -0.84
N GLN B 15 21.75 8.25 -0.83
CA GLN B 15 21.91 7.50 -2.07
C GLN B 15 20.64 6.81 -2.56
N MSE B 16 19.73 6.48 -1.66
CA MSE B 16 18.60 5.62 -1.99
C MSE B 16 17.55 6.17 -2.97
O MSE B 16 17.07 5.43 -3.83
CB MSE B 16 17.90 5.15 -0.73
CG MSE B 16 18.65 4.06 -0.01
SE MSE B 16 17.96 3.96 1.81
CE MSE B 16 16.23 3.06 1.46
N PRO B 17 17.19 7.46 -2.84
CA PRO B 17 16.09 7.96 -3.67
C PRO B 17 16.45 7.96 -5.15
N LYS B 18 17.68 8.34 -5.46
CA LYS B 18 18.13 8.51 -6.84
C LYS B 18 18.86 7.27 -7.37
N ALA B 19 18.79 6.16 -6.65
CA ALA B 19 19.48 4.94 -7.03
C ALA B 19 18.79 4.21 -8.18
N ASP B 20 19.58 3.68 -9.11
CA ASP B 20 19.04 2.87 -10.21
C ASP B 20 19.29 1.39 -9.92
N MSE B 21 18.78 0.51 -10.79
CA MSE B 21 18.84 -0.93 -10.52
C MSE B 21 20.27 -1.45 -10.45
O MSE B 21 20.56 -2.40 -9.71
CB MSE B 21 18.05 -1.71 -11.57
CG MSE B 21 16.57 -1.46 -11.55
SE MSE B 21 15.82 -1.65 -9.76
CE MSE B 21 16.79 -3.22 -9.18
N ARG B 22 21.16 -0.83 -11.22
CA ARG B 22 22.58 -1.11 -11.15
C ARG B 22 23.02 -1.19 -9.70
N VAL B 23 22.78 -0.10 -8.97
CA VAL B 23 23.35 0.07 -7.65
C VAL B 23 22.38 -0.31 -6.54
N LYS B 24 21.09 -0.31 -6.85
CA LYS B 24 20.09 -0.54 -5.80
C LYS B 24 20.40 -1.83 -5.05
N VAL B 25 20.72 -2.89 -5.78
CA VAL B 25 21.01 -4.18 -5.14
C VAL B 25 22.19 -4.10 -4.17
N GLN B 26 23.29 -3.51 -4.60
CA GLN B 26 24.47 -3.33 -3.76
C GLN B 26 24.14 -2.52 -2.51
N LEU B 27 23.38 -1.45 -2.71
CA LEU B 27 22.96 -0.56 -1.64
C LEU B 27 22.14 -1.31 -0.59
N ALA B 28 21.16 -2.07 -1.05
CA ALA B 28 20.32 -2.85 -0.16
C ALA B 28 21.15 -3.82 0.68
N GLU B 29 22.04 -4.57 0.02
CA GLU B 29 22.88 -5.52 0.74
C GLU B 29 23.84 -4.84 1.69
N ASP B 30 24.42 -3.74 1.26
CA ASP B 30 25.39 -3.03 2.09
C ASP B 30 24.71 -2.38 3.28
N LEU B 31 23.46 -1.95 3.13
CA LEU B 31 22.72 -1.34 4.22
C LEU B 31 22.48 -2.38 5.32
N VAL B 32 22.13 -3.59 4.90
CA VAL B 32 21.86 -4.64 5.88
C VAL B 32 23.16 -5.06 6.57
N THR B 33 24.22 -5.22 5.80
CA THR B 33 25.55 -5.47 6.37
C THR B 33 25.92 -4.41 7.40
N PHE B 34 25.67 -3.14 7.07
CA PHE B 34 26.02 -2.04 7.94
C PHE B 34 25.28 -2.16 9.27
N LEU B 35 23.97 -2.34 9.16
CA LEU B 35 23.09 -2.40 10.32
C LEU B 35 23.43 -3.61 11.19
N SER B 36 23.87 -4.68 10.54
CA SER B 36 24.15 -5.96 11.20
C SER B 36 25.45 -5.94 12.01
N ASP B 37 26.27 -4.93 11.76
CA ASP B 37 27.55 -4.80 12.46
C ASP B 37 27.31 -3.92 13.67
N ASP B 38 27.36 -4.51 14.87
CA ASP B 38 27.00 -3.80 16.10
C ASP B 38 27.90 -2.60 16.39
N THR B 39 29.08 -2.56 15.78
CA THR B 39 29.99 -1.44 16.02
C THR B 39 29.57 -0.22 15.24
N ASN B 40 28.74 -0.39 14.21
CA ASN B 40 28.23 0.74 13.43
C ASN B 40 27.17 1.52 14.19
N SER B 41 27.20 2.84 14.06
CA SER B 41 26.22 3.73 14.69
C SER B 41 24.97 3.83 13.84
N ILE B 42 23.81 3.95 14.47
CA ILE B 42 22.61 4.23 13.68
C ILE B 42 22.17 5.68 13.85
N VAL B 43 23.05 6.51 14.39
CA VAL B 43 22.79 7.94 14.45
C VAL B 43 22.70 8.49 13.01
N CYS B 44 21.71 9.31 12.74
CA CYS B 44 21.62 10.00 11.46
C CYS B 44 20.73 11.23 11.62
N THR B 45 20.62 12.03 10.57
CA THR B 45 19.95 13.32 10.70
C THR B 45 18.44 13.18 10.71
N ASP B 46 17.92 12.20 9.98
CA ASP B 46 16.48 11.95 9.98
C ASP B 46 16.21 10.48 9.69
N MSE B 47 16.05 9.70 10.75
CA MSE B 47 15.78 8.28 10.61
C MSE B 47 14.51 8.04 9.80
O MSE B 47 14.38 7.03 9.10
CB MSE B 47 15.63 7.65 12.00
CG MSE B 47 15.16 6.19 11.99
SE MSE B 47 16.46 4.99 11.18
CE MSE B 47 17.91 5.05 12.49
N GLY B 48 13.58 8.98 9.91
CA GLY B 48 12.33 8.93 9.18
C GLY B 48 12.55 8.79 7.68
N PHE B 49 13.58 9.45 7.15
CA PHE B 49 13.88 9.33 5.72
C PHE B 49 14.24 7.89 5.34
N LEU B 50 15.02 7.21 6.20
CA LEU B 50 15.36 5.81 5.93
C LEU B 50 14.12 4.91 5.95
N ILE B 51 13.28 5.07 6.96
CA ILE B 51 12.05 4.28 7.06
C ILE B 51 11.24 4.45 5.76
N ASP B 52 11.04 5.68 5.36
CA ASP B 52 10.31 5.97 4.12
C ASP B 52 11.01 5.43 2.87
N GLY B 53 12.33 5.48 2.84
CA GLY B 53 13.10 4.98 1.70
C GLY B 53 13.01 3.48 1.51
N LEU B 54 12.82 2.77 2.61
CA LEU B 54 12.76 1.31 2.56
C LEU B 54 11.42 0.79 2.05
N MSE B 55 10.37 1.59 2.21
CA MSE B 55 9.04 1.09 1.89
C MSE B 55 8.85 0.70 0.41
O MSE B 55 8.31 -0.36 0.13
CB MSE B 55 7.97 2.07 2.32
CG MSE B 55 6.85 1.34 2.98
SE MSE B 55 7.26 1.33 4.87
CE MSE B 55 6.54 3.13 5.17
N PRO B 56 9.26 1.56 -0.52
CA PRO B 56 9.14 1.24 -1.95
C PRO B 56 9.78 -0.11 -2.30
N TRP B 57 10.81 -0.49 -1.56
CA TRP B 57 11.53 -1.72 -1.85
C TRP B 57 10.66 -2.96 -1.66
N LEU B 58 9.56 -2.84 -0.90
CA LEU B 58 8.72 -4.00 -0.59
C LEU B 58 7.83 -4.46 -1.75
N THR B 59 7.49 -3.56 -2.67
CA THR B 59 6.62 -3.93 -3.78
C THR B 59 7.24 -3.73 -5.16
N GLY B 60 6.71 -4.44 -6.14
CA GLY B 60 7.14 -4.35 -7.52
C GLY B 60 8.62 -4.62 -7.74
N SER B 61 9.22 -5.43 -6.87
CA SER B 61 10.66 -5.62 -6.89
C SER B 61 11.04 -7.10 -6.98
N HIS B 62 12.29 -7.33 -7.33
CA HIS B 62 12.91 -8.65 -7.29
C HIS B 62 12.97 -9.12 -5.84
N PHE B 63 12.88 -10.43 -5.60
CA PHE B 63 12.73 -10.88 -4.22
C PHE B 63 13.91 -10.46 -3.32
N LYS B 64 15.05 -10.20 -3.95
CA LYS B 64 16.25 -9.83 -3.20
C LYS B 64 16.08 -8.47 -2.55
N ILE B 65 15.54 -7.52 -3.30
CA ILE B 65 15.30 -6.17 -2.79
C ILE B 65 14.24 -6.18 -1.69
N ALA B 66 13.11 -6.87 -1.93
CA ALA B 66 12.07 -6.94 -0.93
C ALA B 66 12.58 -7.60 0.35
N GLN B 67 13.37 -8.65 0.19
CA GLN B 67 13.95 -9.33 1.34
C GLN B 67 14.90 -8.44 2.13
N LYS B 68 15.73 -7.68 1.44
CA LYS B 68 16.70 -6.80 2.10
C LYS B 68 16.02 -5.65 2.84
N SER B 69 14.90 -5.19 2.30
CA SER B 69 14.11 -4.16 2.96
C SER B 69 13.60 -4.69 4.30
N LEU B 70 13.03 -5.89 4.28
CA LEU B 70 12.52 -6.51 5.50
C LEU B 70 13.66 -6.76 6.48
N GLU B 71 14.79 -7.27 5.98
CA GLU B 71 15.95 -7.52 6.81
C GLU B 71 16.45 -6.24 7.46
N ALA B 72 16.41 -5.14 6.70
CA ALA B 72 16.88 -3.85 7.19
C ALA B 72 15.99 -3.37 8.33
N PHE B 73 14.68 -3.47 8.13
CA PHE B 73 13.72 -3.19 9.19
C PHE B 73 13.98 -4.04 10.42
N SER B 74 14.25 -5.33 10.22
CA SER B 74 14.57 -6.22 11.34
C SER B 74 15.79 -5.72 12.13
N GLU B 75 16.84 -5.29 11.42
CA GLU B 75 18.02 -4.77 12.13
C GLU B 75 17.70 -3.46 12.82
N LEU B 76 16.88 -2.61 12.20
CA LEU B 76 16.47 -1.37 12.87
C LEU B 76 15.68 -1.66 14.15
N ILE B 77 14.78 -2.63 14.06
CA ILE B 77 14.00 -3.06 15.22
C ILE B 77 14.92 -3.49 16.36
N LYS B 78 15.95 -4.26 16.02
CA LYS B 78 16.87 -4.76 17.03
C LYS B 78 17.60 -3.61 17.69
N ARG B 79 17.97 -2.60 16.90
CA ARG B 79 18.79 -1.51 17.42
C ARG B 79 17.97 -0.42 18.10
N LEU B 80 16.72 -0.23 17.66
CA LEU B 80 15.88 0.83 18.22
C LEU B 80 15.03 0.37 19.42
N GLY B 81 14.68 -0.91 19.46
CA GLY B 81 13.77 -1.38 20.49
C GLY B 81 12.53 -0.50 20.50
N SER B 82 12.10 -0.07 21.68
CA SER B 82 10.85 0.67 21.82
C SER B 82 10.81 1.96 20.99
N ASP B 83 11.97 2.45 20.58
CA ASP B 83 12.03 3.66 19.76
C ASP B 83 11.49 3.40 18.35
N PHE B 84 11.49 2.13 17.93
CA PHE B 84 10.95 1.77 16.62
C PHE B 84 9.45 2.01 16.59
N ASN B 85 8.84 2.14 17.77
CA ASN B 85 7.40 2.26 17.82
C ASN B 85 6.87 3.53 17.17
N ALA B 86 7.77 4.48 16.90
CA ALA B 86 7.42 5.69 16.15
C ALA B 86 6.97 5.31 14.73
N TYR B 87 7.42 4.15 14.27
CA TYR B 87 7.25 3.74 12.88
C TYR B 87 6.31 2.56 12.71
N THR B 88 5.98 1.91 13.83
CA THR B 88 5.19 0.68 13.75
C THR B 88 3.92 0.85 12.92
N ALA B 89 3.20 1.94 13.16
CA ALA B 89 1.91 2.12 12.49
C ALA B 89 2.09 2.37 10.99
N THR B 90 3.21 2.97 10.62
CA THR B 90 3.50 3.24 9.22
C THR B 90 3.93 1.94 8.53
N VAL B 91 4.77 1.17 9.21
CA VAL B 91 5.39 -0.01 8.62
C VAL B 91 4.46 -1.23 8.57
N LEU B 92 3.69 -1.42 9.64
CA LEU B 92 2.93 -2.66 9.80
C LEU B 92 2.05 -3.03 8.59
N PRO B 93 1.28 -2.08 8.06
CA PRO B 93 0.42 -2.43 6.92
C PRO B 93 1.18 -3.03 5.73
N HIS B 94 2.39 -2.57 5.46
CA HIS B 94 3.15 -3.09 4.31
C HIS B 94 3.74 -4.46 4.61
N VAL B 95 4.08 -4.68 5.87
CA VAL B 95 4.58 -5.98 6.28
C VAL B 95 3.45 -7.01 6.19
N ILE B 96 2.27 -6.60 6.62
CA ILE B 96 1.07 -7.45 6.51
C ILE B 96 0.89 -7.88 5.06
N ASP B 97 0.89 -6.91 4.14
CA ASP B 97 0.78 -7.23 2.72
C ASP B 97 1.83 -8.23 2.26
N ARG B 98 3.04 -8.17 2.81
CA ARG B 98 4.04 -9.13 2.40
C ARG B 98 3.75 -10.52 2.95
N LEU B 99 2.93 -10.61 4.00
CA LEU B 99 2.46 -11.93 4.45
C LEU B 99 1.65 -12.60 3.33
N GLY B 100 1.11 -11.82 2.41
CA GLY B 100 0.32 -12.38 1.32
C GLY B 100 1.11 -12.64 0.04
N ASP B 101 2.41 -12.43 0.10
CA ASP B 101 3.26 -12.56 -1.09
C ASP B 101 3.25 -14.01 -1.53
N SER B 102 3.21 -14.26 -2.83
CA SER B 102 3.18 -15.64 -3.31
C SER B 102 4.53 -16.33 -3.15
N ARG B 103 5.56 -15.53 -2.84
CA ARG B 103 6.93 -16.03 -2.71
C ARG B 103 7.20 -16.32 -1.25
N ASP B 104 7.51 -17.58 -0.93
CA ASP B 104 7.63 -17.97 0.48
C ASP B 104 8.80 -17.33 1.21
N THR B 105 9.93 -17.15 0.54
CA THR B 105 11.06 -16.48 1.16
C THR B 105 10.74 -15.04 1.57
N VAL B 106 9.84 -14.39 0.84
CA VAL B 106 9.39 -13.05 1.20
C VAL B 106 8.46 -13.12 2.44
N ARG B 107 7.52 -14.06 2.41
CA ARG B 107 6.64 -14.27 3.56
C ARG B 107 7.44 -14.60 4.81
N GLU B 108 8.47 -15.42 4.67
CA GLU B 108 9.27 -15.79 5.83
CA GLU B 108 9.34 -15.81 5.79
C GLU B 108 10.00 -14.59 6.44
N LYS B 109 10.51 -13.70 5.60
CA LYS B 109 11.19 -12.51 6.12
C LYS B 109 10.20 -11.60 6.83
N ALA B 110 8.98 -11.56 6.30
CA ALA B 110 7.94 -10.73 6.90
C ALA B 110 7.51 -11.30 8.27
N GLN B 111 7.36 -12.62 8.36
CA GLN B 111 7.05 -13.25 9.64
C GLN B 111 8.18 -12.99 10.66
N LEU B 112 9.42 -13.10 10.17
CA LEU B 112 10.58 -12.88 11.04
C LEU B 112 10.59 -11.46 11.57
N LEU B 113 10.21 -10.50 10.73
CA LEU B 113 10.12 -9.10 11.16
C LEU B 113 9.13 -8.98 12.32
N LEU B 114 7.98 -9.61 12.16
CA LEU B 114 6.94 -9.55 13.19
C LEU B 114 7.44 -10.14 14.49
N ARG B 115 8.13 -11.28 14.39
CA ARG B 115 8.73 -11.89 15.58
C ARG B 115 9.76 -10.96 16.23
N ASP B 116 10.58 -10.31 15.42
CA ASP B 116 11.58 -9.37 15.94
C ASP B 116 10.95 -8.23 16.72
N LEU B 117 9.77 -7.79 16.29
CA LEU B 117 9.08 -6.70 16.99
C LEU B 117 8.84 -7.09 18.45
N MSE B 118 8.51 -8.36 18.66
CA MSE B 118 8.21 -8.83 19.99
C MSE B 118 9.47 -9.19 20.74
O MSE B 118 9.65 -8.78 21.88
CB MSE B 118 7.25 -10.02 19.93
CG MSE B 118 5.88 -9.64 19.42
SE MSE B 118 4.62 -11.15 19.25
CE MSE B 118 5.42 -12.03 17.69
N GLU B 119 10.35 -9.95 20.09
CA GLU B 119 11.57 -10.38 20.74
C GLU B 119 12.42 -9.19 21.17
N HIS B 120 12.42 -8.13 20.36
CA HIS B 120 13.23 -6.96 20.70
C HIS B 120 12.43 -5.85 21.35
N ARG B 121 11.28 -6.22 21.90
CA ARG B 121 10.53 -5.38 22.83
C ARG B 121 10.09 -4.03 22.26
N VAL B 122 9.73 -4.00 20.98
CA VAL B 122 9.11 -2.82 20.41
C VAL B 122 7.75 -2.63 21.06
N LEU B 123 6.94 -3.70 21.08
CA LEU B 123 5.67 -3.74 21.81
C LEU B 123 5.38 -5.14 22.35
N PRO B 124 4.61 -5.24 23.44
CA PRO B 124 4.31 -6.56 24.01
C PRO B 124 3.64 -7.46 22.97
N PRO B 125 3.79 -8.79 23.11
CA PRO B 125 3.14 -9.73 22.20
C PRO B 125 1.63 -9.52 22.09
N GLN B 126 0.97 -9.22 23.20
CA GLN B 126 -0.49 -9.07 23.16
C GLN B 126 -0.86 -7.87 22.30
N ALA B 127 -0.08 -6.80 22.42
CA ALA B 127 -0.33 -5.59 21.67
C ALA B 127 -0.17 -5.86 20.17
N LEU B 128 0.92 -6.51 19.80
CA LEU B 128 1.15 -6.76 18.39
C LEU B 128 0.10 -7.69 17.80
N ILE B 129 -0.16 -8.81 18.45
CA ILE B 129 -1.14 -9.76 17.93
C ILE B 129 -2.53 -9.11 17.84
N ASP B 130 -2.89 -8.32 18.84
CA ASP B 130 -4.17 -7.61 18.79
C ASP B 130 -4.17 -6.64 17.63
N LYS B 131 -3.06 -5.94 17.45
CA LYS B 131 -3.01 -4.96 16.36
C LYS B 131 -3.15 -5.68 15.03
N LEU B 132 -2.42 -6.77 14.85
CA LEU B 132 -2.50 -7.53 13.61
C LEU B 132 -3.91 -8.04 13.40
N ALA B 133 -4.55 -8.51 14.48
CA ALA B 133 -5.88 -9.13 14.37
C ALA B 133 -6.89 -8.17 13.76
N THR B 134 -6.75 -6.87 14.05
CA THR B 134 -7.71 -5.89 13.58
C THR B 134 -7.81 -5.84 12.06
N SER B 135 -6.81 -6.36 11.35
CA SER B 135 -6.89 -6.40 9.88
C SER B 135 -6.64 -7.76 9.22
N CYS B 136 -6.04 -8.70 9.95
CA CYS B 136 -5.61 -9.95 9.31
C CYS B 136 -6.68 -11.03 9.28
N PHE B 137 -7.51 -11.10 10.31
CA PHE B 137 -8.55 -12.12 10.37
C PHE B 137 -9.48 -12.03 9.16
N LYS B 138 -9.83 -10.80 8.78
CA LYS B 138 -10.75 -10.56 7.69
C LYS B 138 -10.07 -10.00 6.44
N HIS B 139 -8.74 -10.11 6.37
CA HIS B 139 -8.00 -9.59 5.23
C HIS B 139 -8.51 -10.23 3.96
N LYS B 140 -8.50 -9.49 2.85
CA LYS B 140 -9.08 -9.99 1.60
C LYS B 140 -8.21 -11.08 0.99
N ASN B 141 -6.94 -11.07 1.34
CA ASN B 141 -5.97 -12.02 0.81
C ASN B 141 -5.90 -13.28 1.68
N ALA B 142 -6.19 -14.43 1.08
CA ALA B 142 -6.30 -15.66 1.86
C ALA B 142 -4.95 -16.09 2.44
N LYS B 143 -3.87 -15.73 1.75
CA LYS B 143 -2.54 -16.06 2.25
C LYS B 143 -2.23 -15.25 3.51
N VAL B 144 -2.71 -14.01 3.57
CA VAL B 144 -2.54 -13.24 4.80
C VAL B 144 -3.30 -13.91 5.95
N ARG B 145 -4.55 -14.29 5.70
CA ARG B 145 -5.35 -14.90 6.77
C ARG B 145 -4.66 -16.15 7.28
N GLU B 146 -4.14 -16.96 6.36
CA GLU B 146 -3.41 -18.17 6.73
C GLU B 146 -2.13 -17.87 7.53
N GLU B 147 -1.30 -16.98 6.98
CA GLU B 147 -0.05 -16.66 7.63
C GLU B 147 -0.27 -16.05 9.01
N PHE B 148 -1.30 -15.23 9.14
CA PHE B 148 -1.53 -14.63 10.45
C PHE B 148 -1.84 -15.68 11.54
N LEU B 149 -2.61 -16.71 11.20
CA LEU B 149 -2.80 -17.81 12.15
C LEU B 149 -1.46 -18.39 12.61
N GLN B 150 -0.52 -18.54 11.69
CA GLN B 150 0.81 -19.04 12.03
C GLN B 150 1.56 -18.09 12.95
N THR B 151 1.37 -16.78 12.75
CA THR B 151 1.96 -15.78 13.62
C THR B 151 1.46 -15.99 15.06
N ILE B 152 0.16 -16.18 15.21
CA ILE B 152 -0.42 -16.44 16.53
C ILE B 152 0.21 -17.69 17.13
N VAL B 153 0.26 -18.76 16.35
CA VAL B 153 0.82 -20.01 16.85
C VAL B 153 2.29 -19.84 17.28
N ASN B 154 3.09 -19.15 16.46
CA ASN B 154 4.48 -18.89 16.83
C ASN B 154 4.61 -18.07 18.10
N ALA B 155 3.82 -17.02 18.20
CA ALA B 155 3.90 -16.13 19.35
C ALA B 155 3.47 -16.87 20.61
N LEU B 156 2.39 -17.62 20.49
CA LEU B 156 1.91 -18.41 21.64
C LEU B 156 2.96 -19.42 22.09
N HIS B 157 3.54 -20.15 21.14
CA HIS B 157 4.51 -21.16 21.54
C HIS B 157 5.76 -20.55 22.15
N GLU B 158 6.10 -19.34 21.71
CA GLU B 158 7.28 -18.64 22.22
C GLU B 158 7.03 -17.99 23.58
N TYR B 159 5.87 -17.35 23.75
CA TYR B 159 5.60 -16.56 24.96
C TYR B 159 4.62 -17.18 25.96
N GLY B 160 3.87 -18.19 25.53
CA GLY B 160 2.95 -18.86 26.44
C GLY B 160 1.77 -17.99 26.82
N THR B 161 0.76 -18.59 27.45
CA THR B 161 -0.43 -17.85 27.85
C THR B 161 -0.13 -16.81 28.93
N GLN B 162 1.04 -16.89 29.54
CA GLN B 162 1.47 -15.87 30.50
C GLN B 162 1.51 -14.47 29.89
N GLN B 163 1.93 -14.36 28.63
CA GLN B 163 2.03 -13.06 27.97
C GLN B 163 0.97 -12.86 26.88
N LEU B 164 0.43 -13.95 26.37
CA LEU B 164 -0.54 -13.89 25.29
C LEU B 164 -1.82 -14.60 25.67
N SER B 165 -2.84 -13.84 26.04
CA SER B 165 -4.15 -14.38 26.36
C SER B 165 -4.89 -14.66 25.07
N VAL B 166 -5.27 -15.92 24.86
CA VAL B 166 -5.78 -16.33 23.58
C VAL B 166 -7.30 -16.38 23.51
N ARG B 167 -7.96 -16.16 24.65
CA ARG B 167 -9.42 -16.16 24.70
C ARG B 167 -10.03 -15.28 23.62
N VAL B 168 -9.43 -14.10 23.41
CA VAL B 168 -9.94 -13.18 22.39
C VAL B 168 -9.73 -13.67 20.96
N TYR B 169 -8.85 -14.65 20.77
CA TYR B 169 -8.60 -15.14 19.41
C TYR B 169 -9.47 -16.35 19.06
N ILE B 170 -10.11 -16.95 20.06
CA ILE B 170 -10.85 -18.19 19.79
C ILE B 170 -11.99 -17.99 18.80
N PRO B 171 -12.85 -16.99 19.04
CA PRO B 171 -13.97 -16.75 18.13
C PRO B 171 -13.54 -16.40 16.70
N PRO B 172 -12.62 -15.42 16.51
CA PRO B 172 -12.20 -15.19 15.12
C PRO B 172 -11.54 -16.40 14.48
N VAL B 173 -10.77 -17.17 15.24
CA VAL B 173 -10.22 -18.40 14.70
C VAL B 173 -11.31 -19.41 14.33
N CYS B 174 -12.32 -19.56 15.20
CA CYS B 174 -13.42 -20.45 14.86
C CYS B 174 -14.19 -20.00 13.61
N ALA B 175 -14.29 -18.69 13.41
CA ALA B 175 -14.94 -18.19 12.19
C ALA B 175 -14.16 -18.62 10.95
N LEU B 176 -12.83 -18.69 11.07
CA LEU B 176 -12.00 -19.11 9.94
C LEU B 176 -12.14 -20.61 9.63
N LEU B 177 -12.76 -21.36 10.53
CA LEU B 177 -13.06 -22.75 10.21
C LEU B 177 -13.93 -22.85 8.95
N GLY B 178 -14.72 -21.81 8.71
CA GLY B 178 -15.59 -21.78 7.55
C GLY B 178 -15.08 -20.89 6.43
N ASP B 179 -13.77 -20.65 6.37
CA ASP B 179 -13.19 -19.85 5.28
C ASP B 179 -13.48 -20.50 3.91
N PRO B 180 -13.69 -19.67 2.89
CA PRO B 180 -13.88 -20.23 1.53
C PRO B 180 -12.67 -21.02 1.05
N THR B 181 -11.49 -20.71 1.58
CA THR B 181 -10.25 -21.33 1.12
C THR B 181 -9.87 -22.52 1.96
N VAL B 182 -9.51 -23.63 1.33
CA VAL B 182 -9.11 -24.82 2.07
C VAL B 182 -7.95 -24.54 3.01
N ASN B 183 -6.91 -23.90 2.50
CA ASN B 183 -5.71 -23.63 3.29
C ASN B 183 -6.00 -22.88 4.60
N VAL B 184 -6.94 -21.95 4.54
CA VAL B 184 -7.31 -21.19 5.74
C VAL B 184 -8.07 -22.07 6.73
N ARG B 185 -9.02 -22.83 6.22
CA ARG B 185 -9.78 -23.77 7.05
C ARG B 185 -8.86 -24.73 7.78
N GLU B 186 -7.90 -25.29 7.07
CA GLU B 186 -6.95 -26.23 7.66
C GLU B 186 -6.02 -25.55 8.65
N ALA B 187 -5.57 -24.34 8.32
CA ALA B 187 -4.74 -23.59 9.26
C ALA B 187 -5.51 -23.28 10.54
N ALA B 188 -6.79 -23.00 10.42
CA ALA B 188 -7.60 -22.65 11.58
C ALA B 188 -7.70 -23.86 12.51
N ILE B 189 -7.95 -25.03 11.93
CA ILE B 189 -7.97 -26.28 12.69
C ILE B 189 -6.67 -26.44 13.48
N GLN B 190 -5.56 -26.43 12.77
CA GLN B 190 -4.24 -26.58 13.37
C GLN B 190 -3.97 -25.54 14.47
N THR B 191 -4.43 -24.31 14.28
CA THR B 191 -4.25 -23.26 15.30
C THR B 191 -4.96 -23.59 16.62
N LEU B 192 -6.16 -24.15 16.52
CA LEU B 192 -6.90 -24.54 17.72
C LEU B 192 -6.20 -25.66 18.46
N VAL B 193 -5.53 -26.52 17.69
CA VAL B 193 -4.77 -27.62 18.25
C VAL B 193 -3.54 -27.10 18.98
N GLU B 194 -2.88 -26.10 18.40
CA GLU B 194 -1.74 -25.50 19.06
C GLU B 194 -2.17 -24.82 20.36
N ILE B 195 -3.30 -24.13 20.30
CA ILE B 195 -3.90 -23.52 21.48
C ILE B 195 -4.24 -24.57 22.55
N TYR B 196 -4.77 -25.71 22.10
CA TYR B 196 -5.06 -26.82 23.00
C TYR B 196 -3.83 -27.24 23.81
N LYS B 197 -2.68 -27.29 23.15
CA LYS B 197 -1.43 -27.64 23.82
C LYS B 197 -1.17 -26.73 25.02
N HIS B 198 -1.67 -25.50 24.93
CA HIS B 198 -1.45 -24.51 25.97
C HIS B 198 -2.57 -24.42 27.01
N VAL B 199 -3.82 -24.55 26.57
CA VAL B 199 -4.95 -24.32 27.47
C VAL B 199 -5.56 -25.59 28.07
N GLY B 200 -5.30 -26.73 27.44
CA GLY B 200 -5.83 -28.00 27.94
C GLY B 200 -7.30 -28.27 27.63
N ASP B 201 -7.85 -29.26 28.33
CA ASP B 201 -9.17 -29.79 28.00
C ASP B 201 -10.35 -28.84 28.17
N ARG B 202 -10.16 -27.75 28.88
CA ARG B 202 -11.23 -26.77 29.03
C ARG B 202 -11.61 -26.21 27.65
N LEU B 203 -10.68 -26.33 26.69
CA LEU B 203 -10.94 -25.86 25.34
C LEU B 203 -12.12 -26.59 24.71
N ARG B 204 -12.30 -27.86 25.06
CA ARG B 204 -13.34 -28.67 24.43
C ARG B 204 -14.77 -28.15 24.65
N PRO B 205 -15.16 -27.94 25.93
CA PRO B 205 -16.48 -27.33 26.14
C PRO B 205 -16.52 -25.86 25.69
N ASP B 206 -15.39 -25.15 25.80
CA ASP B 206 -15.34 -23.78 25.33
C ASP B 206 -15.78 -23.73 23.88
N LEU B 207 -15.26 -24.63 23.07
CA LEU B 207 -15.57 -24.66 21.65
C LEU B 207 -17.03 -25.07 21.43
N ARG B 208 -17.48 -26.02 22.24
CA ARG B 208 -18.83 -26.54 22.10
C ARG B 208 -19.87 -25.46 22.41
N ARG B 209 -19.51 -24.51 23.27
CA ARG B 209 -20.43 -23.42 23.60
C ARG B 209 -20.51 -22.42 22.44
N MSE B 210 -19.82 -22.72 21.35
CA MSE B 210 -19.84 -21.84 20.21
C MSE B 210 -20.57 -22.47 19.05
O MSE B 210 -19.98 -23.16 18.23
CB MSE B 210 -18.41 -21.48 19.81
CG MSE B 210 -17.58 -21.23 21.01
SE MSE B 210 -16.13 -20.08 20.57
CE MSE B 210 -17.13 -18.83 19.46
N ASP B 211 -21.88 -22.24 19.00
CA ASP B 211 -22.74 -22.88 18.01
C ASP B 211 -22.28 -22.57 16.59
N ASP B 212 -21.37 -21.60 16.48
CA ASP B 212 -20.67 -21.32 15.24
C ASP B 212 -20.06 -22.63 14.73
N VAL B 213 -19.10 -23.17 15.49
CA VAL B 213 -18.44 -24.43 15.16
C VAL B 213 -19.42 -25.58 14.92
N PRO B 214 -19.43 -26.13 13.70
CA PRO B 214 -20.30 -27.28 13.42
C PRO B 214 -19.85 -28.53 14.14
N ALA B 215 -20.80 -29.38 14.51
CA ALA B 215 -20.50 -30.61 15.24
C ALA B 215 -19.41 -31.45 14.57
N SER B 216 -19.42 -31.52 13.23
CA SER B 216 -18.45 -32.32 12.50
C SER B 216 -17.03 -31.81 12.76
N LYS B 217 -16.90 -30.50 12.93
CA LYS B 217 -15.59 -29.93 13.20
C LYS B 217 -15.20 -30.08 14.67
N LEU B 218 -16.18 -29.99 15.56
CA LEU B 218 -15.94 -30.31 16.97
C LEU B 218 -15.35 -31.71 17.08
N ALA B 219 -15.93 -32.65 16.35
CA ALA B 219 -15.49 -34.03 16.38
C ALA B 219 -14.08 -34.18 15.83
N MSE B 220 -13.82 -33.56 14.67
CA MSE B 220 -12.49 -33.59 14.09
C MSE B 220 -11.46 -33.02 15.05
O MSE B 220 -10.36 -33.55 15.17
CB MSE B 220 -12.47 -32.78 12.79
CG MSE B 220 -11.17 -32.03 12.55
SE MSE B 220 -11.07 -31.63 10.68
CE MSE B 220 -12.93 -31.98 10.17
N LEU B 221 -11.83 -31.94 15.72
CA LEU B 221 -10.93 -31.33 16.69
C LEU B 221 -10.70 -32.23 17.89
N GLU B 222 -11.74 -32.96 18.27
CA GLU B 222 -11.66 -33.88 19.40
CA GLU B 222 -11.64 -33.86 19.40
C GLU B 222 -10.64 -34.99 19.13
N GLN B 223 -10.64 -35.53 17.90
CA GLN B 223 -9.70 -36.61 17.58
C GLN B 223 -8.28 -36.09 17.48
N LYS B 224 -8.13 -34.79 17.25
CA LYS B 224 -6.81 -34.19 17.22
C LYS B 224 -6.33 -33.78 18.62
N PHE B 225 -7.24 -33.26 19.44
CA PHE B 225 -6.89 -32.94 20.82
C PHE B 225 -6.51 -34.23 21.54
N ASP B 226 -7.34 -35.25 21.39
CA ASP B 226 -7.06 -36.55 21.98
C ASP B 226 -5.68 -37.02 21.53
N GLN B 227 -5.41 -36.84 20.24
CA GLN B 227 -4.17 -37.29 19.62
C GLN B 227 -2.93 -36.63 20.23
N VAL B 228 -2.97 -35.32 20.45
CA VAL B 228 -1.83 -34.64 21.08
C VAL B 228 -1.74 -34.99 22.57
N LYS B 229 -2.88 -35.30 23.17
CA LYS B 229 -2.93 -35.68 24.58
C LYS B 229 -2.22 -37.02 24.80
N LEU B 230 -2.43 -37.93 23.84
CA LEU B 230 -1.88 -39.28 23.90
C LEU B 230 -0.39 -39.29 23.54
N GLU B 231 0.07 -38.23 22.89
CA GLU B 231 1.49 -38.05 22.59
C GLU B 231 2.22 -37.48 23.81
N HIS B 232 1.51 -36.64 24.55
CA HIS B 232 2.05 -36.05 25.78
C HIS B 232 2.17 -37.10 26.88
N HIS B 233 1.24 -38.04 26.89
CA HIS B 233 1.31 -39.14 27.84
C HIS B 233 2.57 -39.96 27.59
N HIS B 234 2.88 -40.18 26.33
CA HIS B 234 4.06 -40.96 25.95
C HIS B 234 5.35 -40.20 26.26
N HIS B 235 5.38 -38.93 25.89
CA HIS B 235 6.55 -38.09 26.13
C HIS B 235 6.64 -37.66 27.59
C1 GOL C . 10.70 -10.46 24.95
O1 GOL C . 12.10 -10.70 24.85
C2 GOL C . 10.14 -11.03 26.25
O2 GOL C . 9.69 -12.36 26.07
C3 GOL C . 8.98 -10.17 26.74
O3 GOL C . 8.06 -9.97 25.69
C1 GOL D . 16.95 11.79 14.73
O1 GOL D . 16.59 10.79 13.80
C2 GOL D . 18.20 11.39 15.50
O2 GOL D . 19.16 12.40 15.37
C3 GOL D . 18.80 10.13 14.88
O3 GOL D . 20.09 9.87 15.37
#